data_6ST0
#
_entry.id   6ST0
#
_cell.length_a   45.160
_cell.length_b   71.800
_cell.length_c   164.780
_cell.angle_alpha   90.00
_cell.angle_beta   90.00
_cell.angle_gamma   90.00
#
_symmetry.space_group_name_H-M   'P 21 21 21'
#
loop_
_entity.id
_entity.type
_entity.pdbx_description
1 polymer 'Taurine-binding periplasmic protein'
2 non-polymer 'IODIDE ION'
3 non-polymer 'N-(2-acetamido)-2-aminoethanesulfonic acid'
4 water water
#
_entity_poly.entity_id   1
_entity_poly.type   'polypeptide(L)'
_entity_poly.pdbx_seq_one_letter_code
;MVNVTVAYQTSAEPAKVAQADNTFAKESGATVDWRKFDSGASIVRALASGDVQIGNLGSSPLAVAASQQVPIEVFLLASK
LGNSEALVVKKTISKPEDLIGKRIAVPFISTTHYSLLAALKHWGIKPGQVEIVNLQPPAIIAAWQRGDIDGAYVWAPAVN
ALEKDGKVLTDSEQVGQWGAPTLDVWVVRKDFAEKHPEVVKAFAKSAIDAQQPYIANPDVWLKQPENISKLARLSGVPEG
DVPGLVKGNTYLTPQQQTAELTGPVNKAIIDTAQFLKEQGKVPAVANDYSQYVTSRFV
;
_entity_poly.pdbx_strand_id   A,B
#
# COMPACT_ATOMS: atom_id res chain seq x y z
N MET A 1 12.18 -17.14 3.58
CA MET A 1 11.62 -16.61 2.34
C MET A 1 10.14 -16.96 2.18
N VAL A 2 9.34 -15.97 1.80
CA VAL A 2 7.93 -16.16 1.48
C VAL A 2 7.77 -15.91 -0.01
N ASN A 3 7.27 -16.92 -0.73
CA ASN A 3 6.79 -16.75 -2.08
C ASN A 3 5.27 -16.81 -2.05
N VAL A 4 4.62 -15.89 -2.77
CA VAL A 4 3.17 -15.86 -2.84
C VAL A 4 2.79 -15.56 -4.28
N THR A 5 1.81 -16.31 -4.80
CA THR A 5 1.27 -16.03 -6.12
C THR A 5 -0.08 -15.35 -5.98
N VAL A 6 -0.25 -14.22 -6.65
CA VAL A 6 -1.46 -13.42 -6.57
C VAL A 6 -2.12 -13.46 -7.93
N ALA A 7 -3.38 -13.90 -7.97
CA ALA A 7 -4.17 -13.88 -9.18
C ALA A 7 -4.92 -12.56 -9.29
N TYR A 8 -4.59 -11.75 -10.30
CA TYR A 8 -5.26 -10.48 -10.50
C TYR A 8 -6.05 -10.49 -11.80
N GLN A 9 -6.97 -9.53 -11.92
CA GLN A 9 -7.86 -9.38 -13.07
C GLN A 9 -7.74 -7.96 -13.62
N THR A 10 -8.52 -7.65 -14.65
CA THR A 10 -8.20 -6.51 -15.53
C THR A 10 -9.06 -5.27 -15.31
N SER A 11 -9.87 -5.22 -14.25
CA SER A 11 -10.63 -4.01 -13.97
C SER A 11 -9.70 -2.84 -13.66
N ALA A 12 -10.03 -1.67 -14.20
CA ALA A 12 -9.27 -0.46 -13.94
C ALA A 12 -9.79 0.19 -12.67
N GLU A 13 -9.04 0.07 -11.58
CA GLU A 13 -9.49 0.60 -10.31
C GLU A 13 -8.28 1.09 -9.53
N PRO A 14 -8.47 1.99 -8.57
CA PRO A 14 -7.32 2.71 -8.01
C PRO A 14 -6.26 1.83 -7.36
N ALA A 15 -6.61 0.64 -6.86
CA ALA A 15 -5.61 -0.20 -6.24
C ALA A 15 -4.59 -0.73 -7.23
N LYS A 16 -4.85 -0.60 -8.54
CA LYS A 16 -3.84 -0.97 -9.53
C LYS A 16 -2.60 -0.10 -9.42
N VAL A 17 -2.69 1.09 -8.82
CA VAL A 17 -1.50 1.91 -8.61
C VAL A 17 -0.55 1.22 -7.63
N ALA A 18 -1.09 0.60 -6.58
CA ALA A 18 -0.24 -0.11 -5.63
C ALA A 18 0.38 -1.32 -6.29
N GLN A 19 -0.35 -1.97 -7.20
CA GLN A 19 0.21 -3.12 -7.90
C GLN A 19 1.36 -2.69 -8.79
N ALA A 20 1.16 -1.63 -9.58
CA ALA A 20 2.22 -1.16 -10.47
C ALA A 20 3.43 -0.68 -9.68
N ASP A 21 3.22 -0.11 -8.49
CA ASP A 21 4.32 0.34 -7.64
C ASP A 21 5.01 -0.78 -6.87
N ASN A 22 4.50 -2.01 -6.93
CA ASN A 22 5.06 -3.16 -6.21
C ASN A 22 5.00 -2.96 -4.69
N THR A 23 3.99 -2.22 -4.22
CA THR A 23 3.94 -1.84 -2.80
C THR A 23 3.75 -3.06 -1.89
N PHE A 24 2.91 -4.00 -2.28
CA PHE A 24 2.69 -5.20 -1.47
C PHE A 24 4.00 -5.97 -1.25
N ALA A 25 4.76 -6.20 -2.33
CA ALA A 25 6.02 -6.90 -2.16
C ALA A 25 6.99 -6.12 -1.28
N LYS A 26 7.10 -4.80 -1.51
CA LYS A 26 8.02 -3.98 -0.74
C LYS A 26 7.67 -3.98 0.75
N GLU A 27 6.40 -3.83 1.08
CA GLU A 27 6.01 -3.71 2.48
C GLU A 27 5.95 -5.07 3.19
N SER A 28 5.61 -6.14 2.46
CA SER A 28 5.54 -7.46 3.08
C SER A 28 6.89 -8.15 3.13
N GLY A 29 7.80 -7.81 2.20
CA GLY A 29 9.04 -8.55 2.08
C GLY A 29 8.94 -9.84 1.31
N ALA A 30 7.76 -10.19 0.81
CA ALA A 30 7.59 -11.43 0.08
C ALA A 30 8.00 -11.26 -1.38
N THR A 31 8.41 -12.36 -2.01
CA THR A 31 8.55 -12.39 -3.46
C THR A 31 7.18 -12.71 -4.05
N VAL A 32 6.64 -11.80 -4.86
CA VAL A 32 5.26 -11.86 -5.31
C VAL A 32 5.23 -12.14 -6.81
N ASP A 33 4.55 -13.22 -7.19
CA ASP A 33 4.26 -13.52 -8.59
C ASP A 33 2.83 -13.06 -8.89
N TRP A 34 2.71 -11.93 -9.57
CA TRP A 34 1.41 -11.42 -10.01
C TRP A 34 1.05 -12.12 -11.32
N ARG A 35 -0.03 -12.90 -11.32
CA ARG A 35 -0.45 -13.68 -12.48
C ARG A 35 -1.80 -13.16 -12.96
N LYS A 36 -1.87 -12.81 -14.25
CA LYS A 36 -3.10 -12.27 -14.81
C LYS A 36 -4.03 -13.41 -15.19
N PHE A 37 -5.28 -13.33 -14.72
CA PHE A 37 -6.31 -14.29 -15.10
C PHE A 37 -7.40 -13.58 -15.88
N ASP A 38 -7.98 -14.31 -16.83
CA ASP A 38 -8.95 -13.70 -17.73
C ASP A 38 -10.34 -13.57 -17.11
N SER A 39 -10.67 -14.46 -16.18
CA SER A 39 -11.91 -14.35 -15.41
C SER A 39 -11.74 -15.20 -14.15
N GLY A 40 -12.79 -15.20 -13.32
CA GLY A 40 -12.66 -15.75 -11.97
C GLY A 40 -12.77 -17.26 -11.86
N ALA A 41 -13.46 -17.91 -12.79
CA ALA A 41 -13.62 -19.36 -12.68
C ALA A 41 -12.26 -20.06 -12.62
N SER A 42 -11.32 -19.63 -13.47
CA SER A 42 -10.00 -20.23 -13.46
C SER A 42 -9.23 -19.88 -12.19
N ILE A 43 -9.52 -18.73 -11.58
CA ILE A 43 -8.90 -18.39 -10.30
C ILE A 43 -9.38 -19.33 -9.20
N VAL A 44 -10.69 -19.66 -9.19
CA VAL A 44 -11.19 -20.58 -8.18
C VAL A 44 -10.45 -21.90 -8.25
N ARG A 45 -10.19 -22.38 -9.46
CA ARG A 45 -9.50 -23.66 -9.60
C ARG A 45 -8.06 -23.57 -9.12
N ALA A 46 -7.40 -22.44 -9.40
CA ALA A 46 -6.00 -22.29 -9.00
C ALA A 46 -5.88 -22.13 -7.48
N LEU A 47 -6.84 -21.43 -6.86
CA LEU A 47 -6.90 -21.40 -5.41
C LEU A 47 -7.13 -22.79 -4.84
N ALA A 48 -8.05 -23.55 -5.44
CA ALA A 48 -8.38 -24.87 -4.92
C ALA A 48 -7.18 -25.80 -4.99
N SER A 49 -6.40 -25.72 -6.06
CA SER A 49 -5.23 -26.57 -6.24
C SER A 49 -4.02 -26.08 -5.46
N GLY A 50 -4.07 -24.89 -4.88
CA GLY A 50 -2.93 -24.35 -4.18
C GLY A 50 -1.94 -23.58 -5.03
N ASP A 51 -2.21 -23.46 -6.34
CA ASP A 51 -1.31 -22.74 -7.23
C ASP A 51 -1.36 -21.23 -7.03
N VAL A 52 -2.47 -20.72 -6.49
CA VAL A 52 -2.63 -19.33 -6.15
C VAL A 52 -3.01 -19.25 -4.68
N GLN A 53 -2.47 -18.27 -3.96
CA GLN A 53 -2.79 -18.10 -2.54
C GLN A 53 -3.67 -16.90 -2.24
N ILE A 54 -3.60 -15.84 -3.05
CA ILE A 54 -4.46 -14.66 -2.92
C ILE A 54 -5.03 -14.38 -4.31
N GLY A 55 -6.32 -14.13 -4.39
CA GLY A 55 -6.97 -13.98 -5.68
C GLY A 55 -8.10 -12.97 -5.66
N ASN A 56 -8.25 -12.26 -6.77
CA ASN A 56 -9.36 -11.32 -6.95
C ASN A 56 -10.51 -12.04 -7.64
N LEU A 57 -11.64 -12.16 -6.94
CA LEU A 57 -12.81 -12.87 -7.42
C LEU A 57 -14.02 -11.95 -7.49
N GLY A 58 -14.80 -12.08 -8.56
CA GLY A 58 -16.15 -11.54 -8.53
C GLY A 58 -17.01 -12.29 -7.53
N SER A 59 -18.12 -11.65 -7.13
CA SER A 59 -18.97 -12.26 -6.11
C SER A 59 -19.62 -13.54 -6.60
N SER A 60 -19.86 -13.68 -7.91
CA SER A 60 -20.44 -14.92 -8.42
C SER A 60 -19.45 -16.08 -8.39
N PRO A 61 -18.20 -15.95 -8.87
CA PRO A 61 -17.26 -17.05 -8.65
C PRO A 61 -16.98 -17.33 -7.18
N LEU A 62 -17.04 -16.29 -6.34
CA LEU A 62 -16.89 -16.47 -4.90
C LEU A 62 -17.97 -17.39 -4.33
N ALA A 63 -19.23 -17.16 -4.73
CA ALA A 63 -20.31 -18.00 -4.21
C ALA A 63 -20.20 -19.43 -4.71
N VAL A 64 -19.71 -19.62 -5.95
CA VAL A 64 -19.49 -20.98 -6.43
C VAL A 64 -18.41 -21.67 -5.60
N ALA A 65 -17.29 -20.98 -5.40
CA ALA A 65 -16.18 -21.54 -4.63
C ALA A 65 -16.61 -21.89 -3.21
N ALA A 66 -17.37 -20.99 -2.57
CA ALA A 66 -17.81 -21.25 -1.19
C ALA A 66 -18.79 -22.41 -1.12
N SER A 67 -19.66 -22.55 -2.13
CA SER A 67 -20.58 -23.68 -2.16
C SER A 67 -19.85 -25.02 -2.36
N GLN A 68 -18.65 -24.99 -2.92
CA GLN A 68 -17.83 -26.19 -3.08
C GLN A 68 -16.85 -26.36 -1.94
N GLN A 69 -16.93 -25.52 -0.90
CA GLN A 69 -16.10 -25.61 0.30
C GLN A 69 -14.61 -25.45 0.00
N VAL A 70 -14.28 -24.64 -1.00
CA VAL A 70 -12.87 -24.27 -1.18
C VAL A 70 -12.43 -23.47 0.06
N PRO A 71 -11.29 -23.81 0.67
CA PRO A 71 -10.87 -23.17 1.93
C PRO A 71 -10.24 -21.80 1.72
N ILE A 72 -11.07 -20.84 1.34
CA ILE A 72 -10.69 -19.44 1.15
C ILE A 72 -11.61 -18.54 1.96
N GLU A 73 -11.11 -17.34 2.26
CA GLU A 73 -11.89 -16.29 2.93
C GLU A 73 -11.74 -14.96 2.22
N VAL A 74 -12.87 -14.28 2.02
CA VAL A 74 -12.84 -12.86 1.70
C VAL A 74 -12.20 -12.11 2.87
N PHE A 75 -11.13 -11.37 2.59
CA PHE A 75 -10.49 -10.55 3.62
C PHE A 75 -10.47 -9.08 3.28
N LEU A 76 -11.02 -8.68 2.14
CA LEU A 76 -10.96 -7.32 1.64
C LEU A 76 -11.94 -7.21 0.48
N LEU A 77 -12.68 -6.10 0.40
CA LEU A 77 -13.46 -5.80 -0.78
C LEU A 77 -12.61 -4.98 -1.75
N ALA A 78 -12.76 -5.27 -3.04
CA ALA A 78 -12.09 -4.48 -4.06
C ALA A 78 -12.98 -3.35 -4.54
N SER A 79 -14.23 -3.65 -4.90
CA SER A 79 -15.13 -2.60 -5.36
C SER A 79 -16.56 -3.13 -5.37
N LYS A 80 -17.49 -2.19 -5.30
CA LYS A 80 -18.90 -2.47 -5.57
C LYS A 80 -19.14 -2.12 -7.04
N LEU A 81 -19.54 -3.12 -7.83
CA LEU A 81 -19.52 -2.95 -9.28
C LEU A 81 -20.69 -2.11 -9.76
N GLY A 82 -20.40 -1.17 -10.66
CA GLY A 82 -21.43 -0.37 -11.31
C GLY A 82 -21.31 -0.51 -12.81
N ASN A 83 -21.40 0.60 -13.55
CA ASN A 83 -21.41 0.46 -15.01
C ASN A 83 -20.04 0.21 -15.62
N SER A 84 -19.01 -0.08 -14.82
CA SER A 84 -17.76 -0.59 -15.39
C SER A 84 -17.95 -1.97 -16.02
N GLU A 85 -19.02 -2.68 -15.66
CA GLU A 85 -19.40 -3.93 -16.30
C GLU A 85 -20.72 -3.71 -17.04
N ALA A 86 -20.78 -4.11 -18.31
CA ALA A 86 -21.94 -3.73 -19.11
C ALA A 86 -22.23 -4.77 -20.19
N LEU A 87 -23.49 -4.82 -20.59
CA LEU A 87 -23.94 -5.61 -21.74
C LEU A 87 -23.85 -4.73 -22.98
N VAL A 88 -22.91 -5.03 -23.86
CA VAL A 88 -22.72 -4.29 -25.11
C VAL A 88 -23.17 -5.17 -26.27
N VAL A 89 -24.01 -4.62 -27.16
CA VAL A 89 -24.64 -5.42 -28.20
C VAL A 89 -24.49 -4.73 -29.55
N LYS A 90 -24.74 -5.51 -30.61
CA LYS A 90 -24.81 -4.95 -31.95
C LYS A 90 -25.84 -3.84 -31.98
N LYS A 91 -25.53 -2.76 -32.71
CA LYS A 91 -26.35 -1.56 -32.64
C LYS A 91 -27.78 -1.79 -33.11
N THR A 92 -28.04 -2.83 -33.90
CA THR A 92 -29.40 -3.11 -34.34
C THR A 92 -30.22 -3.84 -33.30
N ILE A 93 -29.63 -4.23 -32.17
CA ILE A 93 -30.38 -4.75 -31.03
C ILE A 93 -30.75 -3.54 -30.19
N SER A 94 -32.00 -3.09 -30.31
CA SER A 94 -32.40 -1.84 -29.69
C SER A 94 -33.17 -2.01 -28.39
N LYS A 95 -33.85 -3.13 -28.19
CA LYS A 95 -34.65 -3.39 -27.00
C LYS A 95 -34.31 -4.76 -26.44
N PRO A 96 -34.57 -4.98 -25.15
CA PRO A 96 -34.28 -6.30 -24.57
C PRO A 96 -34.96 -7.45 -25.30
N GLU A 97 -36.16 -7.23 -25.84
CA GLU A 97 -36.83 -8.27 -26.62
C GLU A 97 -36.00 -8.67 -27.84
N ASP A 98 -35.13 -7.79 -28.33
CA ASP A 98 -34.31 -8.12 -29.49
C ASP A 98 -33.18 -9.08 -29.17
N LEU A 99 -32.95 -9.40 -27.90
CA LEU A 99 -31.96 -10.41 -27.54
C LEU A 99 -32.44 -11.82 -27.82
N ILE A 100 -33.74 -12.02 -28.05
CA ILE A 100 -34.26 -13.37 -28.28
C ILE A 100 -33.67 -13.93 -29.57
N GLY A 101 -33.11 -15.13 -29.47
CA GLY A 101 -32.46 -15.76 -30.60
C GLY A 101 -31.07 -15.25 -30.91
N LYS A 102 -30.51 -14.38 -30.08
CA LYS A 102 -29.20 -13.82 -30.35
C LYS A 102 -28.13 -14.58 -29.59
N ARG A 103 -26.89 -14.45 -30.07
CA ARG A 103 -25.73 -15.11 -29.47
C ARG A 103 -25.00 -14.10 -28.59
N ILE A 104 -25.04 -14.31 -27.27
CA ILE A 104 -24.47 -13.40 -26.30
C ILE A 104 -23.42 -14.15 -25.49
N ALA A 105 -22.20 -13.61 -25.43
CA ALA A 105 -21.08 -14.26 -24.76
C ALA A 105 -20.85 -13.70 -23.35
N VAL A 106 -20.58 -14.60 -22.41
CA VAL A 106 -20.12 -14.22 -21.06
C VAL A 106 -19.13 -15.25 -20.57
N PRO A 107 -18.15 -14.83 -19.78
CA PRO A 107 -17.27 -15.82 -19.14
C PRO A 107 -18.05 -16.56 -18.06
N PHE A 108 -17.91 -17.90 -18.07
CA PHE A 108 -18.70 -18.80 -17.23
C PHE A 108 -18.65 -18.40 -15.76
N ILE A 109 -19.84 -18.31 -15.16
CA ILE A 109 -20.16 -17.96 -13.77
C ILE A 109 -19.43 -16.71 -13.27
N SER A 110 -18.95 -15.87 -14.18
CA SER A 110 -18.45 -14.55 -13.81
C SER A 110 -19.59 -13.69 -13.26
N THR A 111 -19.23 -12.51 -12.75
CA THR A 111 -20.24 -11.52 -12.36
C THR A 111 -21.11 -11.10 -13.52
N THR A 112 -20.58 -11.10 -14.75
CA THR A 112 -21.40 -10.68 -15.86
C THR A 112 -22.27 -11.79 -16.42
N HIS A 113 -21.86 -13.05 -16.27
CA HIS A 113 -22.80 -14.16 -16.47
C HIS A 113 -23.95 -14.05 -15.47
N TYR A 114 -23.62 -13.81 -14.20
CA TYR A 114 -24.63 -13.62 -13.17
C TYR A 114 -25.54 -12.44 -13.49
N SER A 115 -24.95 -11.29 -13.81
CA SER A 115 -25.75 -10.10 -14.10
C SER A 115 -26.60 -10.29 -15.36
N LEU A 116 -26.07 -11.00 -16.36
CA LEU A 116 -26.88 -11.26 -17.55
C LEU A 116 -28.12 -12.06 -17.20
N LEU A 117 -27.98 -13.09 -16.38
CA LEU A 117 -29.13 -13.91 -16.00
C LEU A 117 -30.11 -13.11 -15.16
N ALA A 118 -29.62 -12.22 -14.30
CA ALA A 118 -30.52 -11.39 -13.51
C ALA A 118 -31.24 -10.37 -14.38
N ALA A 119 -30.55 -9.84 -15.40
CA ALA A 119 -31.19 -8.89 -16.31
C ALA A 119 -32.27 -9.57 -17.14
N LEU A 120 -32.00 -10.77 -17.65
CA LEU A 120 -33.02 -11.48 -18.41
C LEU A 120 -34.23 -11.76 -17.54
N LYS A 121 -34.00 -12.19 -16.30
CA LYS A 121 -35.12 -12.42 -15.40
C LYS A 121 -35.94 -11.14 -15.19
N HIS A 122 -35.24 -10.01 -14.99
CA HIS A 122 -35.93 -8.74 -14.78
C HIS A 122 -36.78 -8.36 -16.00
N TRP A 123 -36.28 -8.66 -17.20
CA TRP A 123 -36.96 -8.35 -18.46
C TRP A 123 -38.01 -9.38 -18.84
N GLY A 124 -38.16 -10.46 -18.08
CA GLY A 124 -39.14 -11.48 -18.42
C GLY A 124 -38.72 -12.42 -19.53
N ILE A 125 -37.42 -12.60 -19.74
CA ILE A 125 -36.87 -13.39 -20.82
C ILE A 125 -36.22 -14.62 -20.21
N LYS A 126 -36.59 -15.80 -20.67
CA LYS A 126 -35.94 -17.00 -20.17
C LYS A 126 -34.54 -17.11 -20.77
N PRO A 127 -33.54 -17.54 -20.00
CA PRO A 127 -32.19 -17.68 -20.57
C PRO A 127 -32.13 -18.65 -21.74
N GLY A 128 -33.03 -19.62 -21.81
CA GLY A 128 -33.07 -20.52 -22.95
C GLY A 128 -33.46 -19.85 -24.26
N GLN A 129 -34.06 -18.66 -24.19
CA GLN A 129 -34.41 -17.92 -25.39
C GLN A 129 -33.21 -17.22 -26.02
N VAL A 130 -32.11 -17.10 -25.29
CA VAL A 130 -30.88 -16.48 -25.77
C VAL A 130 -29.81 -17.55 -25.91
N GLU A 131 -29.00 -17.46 -26.95
CA GLU A 131 -27.87 -18.36 -27.11
C GLU A 131 -26.70 -17.78 -26.31
N ILE A 132 -26.67 -18.12 -25.02
CA ILE A 132 -25.61 -17.66 -24.14
C ILE A 132 -24.42 -18.61 -24.28
N VAL A 133 -23.28 -18.08 -24.72
CA VAL A 133 -22.08 -18.86 -24.95
C VAL A 133 -20.99 -18.40 -24.00
N ASN A 134 -20.14 -19.34 -23.61
CA ASN A 134 -19.09 -19.08 -22.65
C ASN A 134 -17.77 -18.87 -23.39
N LEU A 135 -17.21 -17.67 -23.25
CA LEU A 135 -15.94 -17.30 -23.85
C LEU A 135 -15.18 -16.44 -22.87
N GLN A 136 -13.87 -16.60 -22.84
CA GLN A 136 -13.05 -15.69 -22.07
C GLN A 136 -12.93 -14.34 -22.80
N PRO A 137 -12.68 -13.26 -22.07
CA PRO A 137 -12.77 -11.91 -22.66
C PRO A 137 -11.90 -11.72 -23.90
N PRO A 138 -10.67 -12.25 -23.97
CA PRO A 138 -9.91 -12.07 -25.23
C PRO A 138 -10.59 -12.72 -26.42
N ALA A 139 -11.19 -13.90 -26.21
CA ALA A 139 -11.94 -14.55 -27.27
C ALA A 139 -13.23 -13.81 -27.59
N ILE A 140 -13.84 -13.17 -26.59
CA ILE A 140 -15.03 -12.36 -26.85
C ILE A 140 -14.70 -11.22 -27.82
N ILE A 141 -13.59 -10.52 -27.57
CA ILE A 141 -13.19 -9.42 -28.44
C ILE A 141 -12.97 -9.93 -29.86
N ALA A 142 -12.29 -11.08 -30.00
CA ALA A 142 -12.01 -11.62 -31.33
C ALA A 142 -13.28 -12.07 -32.03
N ALA A 143 -14.20 -12.71 -31.29
CA ALA A 143 -15.46 -13.14 -31.89
C ALA A 143 -16.31 -11.95 -32.29
N TRP A 144 -16.33 -10.89 -31.46
CA TRP A 144 -17.04 -9.68 -31.79
C TRP A 144 -16.49 -9.05 -33.07
N GLN A 145 -15.16 -9.00 -33.19
CA GLN A 145 -14.55 -8.37 -34.35
C GLN A 145 -14.92 -9.09 -35.64
N ARG A 146 -15.09 -10.41 -35.58
CA ARG A 146 -15.47 -11.20 -36.74
C ARG A 146 -16.98 -11.33 -36.91
N GLY A 147 -17.77 -10.70 -36.04
CA GLY A 147 -19.21 -10.78 -36.16
C GLY A 147 -19.83 -12.12 -35.81
N ASP A 148 -19.12 -12.95 -35.03
CA ASP A 148 -19.63 -14.27 -34.67
C ASP A 148 -20.46 -14.26 -33.40
N ILE A 149 -20.56 -13.13 -32.70
CA ILE A 149 -21.47 -12.98 -31.59
C ILE A 149 -22.23 -11.67 -31.79
N ASP A 150 -23.39 -11.57 -31.13
CA ASP A 150 -24.23 -10.39 -31.23
C ASP A 150 -24.03 -9.43 -30.07
N GLY A 151 -23.24 -9.81 -29.08
CA GLY A 151 -22.98 -8.97 -27.93
C GLY A 151 -22.37 -9.78 -26.81
N ALA A 152 -22.09 -9.08 -25.71
CA ALA A 152 -21.46 -9.71 -24.56
C ALA A 152 -21.66 -8.82 -23.34
N TYR A 153 -21.70 -9.46 -22.18
CA TYR A 153 -21.68 -8.75 -20.92
C TYR A 153 -20.27 -8.91 -20.36
N VAL A 154 -19.54 -7.79 -20.24
CA VAL A 154 -18.09 -7.83 -20.08
C VAL A 154 -17.63 -6.68 -19.18
N TRP A 155 -16.38 -6.79 -18.73
CA TRP A 155 -15.65 -5.73 -18.04
C TRP A 155 -14.44 -5.36 -18.89
N ALA A 156 -13.63 -4.43 -18.40
CA ALA A 156 -12.47 -3.96 -19.14
C ALA A 156 -11.42 -5.06 -19.26
N PRO A 157 -10.67 -5.10 -20.38
CA PRO A 157 -10.70 -4.21 -21.55
C PRO A 157 -11.75 -4.57 -22.60
N ALA A 158 -12.47 -5.68 -22.42
CA ALA A 158 -13.44 -6.06 -23.43
C ALA A 158 -14.60 -5.06 -23.52
N VAL A 159 -15.02 -4.51 -22.38
CA VAL A 159 -16.21 -3.68 -22.40
C VAL A 159 -15.99 -2.42 -23.24
N ASN A 160 -14.79 -1.81 -23.16
CA ASN A 160 -14.57 -0.59 -23.94
C ASN A 160 -14.21 -0.91 -25.39
N ALA A 161 -13.61 -2.07 -25.64
CA ALA A 161 -13.35 -2.50 -27.01
C ALA A 161 -14.66 -2.72 -27.76
N LEU A 162 -15.63 -3.38 -27.11
CA LEU A 162 -16.92 -3.63 -27.77
C LEU A 162 -17.72 -2.35 -27.90
N GLU A 163 -17.64 -1.47 -26.89
CA GLU A 163 -18.43 -0.25 -26.93
C GLU A 163 -18.00 0.70 -28.05
N LYS A 164 -16.77 0.54 -28.56
CA LYS A 164 -16.31 1.44 -29.62
C LYS A 164 -17.24 1.40 -30.82
N ASP A 165 -17.88 0.25 -31.07
CA ASP A 165 -18.77 0.07 -32.20
C ASP A 165 -20.17 -0.38 -31.80
N GLY A 166 -20.40 -0.75 -30.55
CA GLY A 166 -21.67 -1.29 -30.11
C GLY A 166 -22.42 -0.35 -29.19
N LYS A 167 -23.51 -0.87 -28.64
CA LYS A 167 -24.41 -0.09 -27.81
C LYS A 167 -24.62 -0.78 -26.47
N VAL A 168 -24.65 0.00 -25.40
CA VAL A 168 -24.88 -0.54 -24.07
C VAL A 168 -26.38 -0.70 -23.86
N LEU A 169 -26.79 -1.94 -23.58
CA LEU A 169 -28.19 -2.27 -23.33
C LEU A 169 -28.52 -2.26 -21.85
N THR A 170 -27.60 -2.70 -21.00
CA THR A 170 -27.73 -2.53 -19.55
C THR A 170 -26.33 -2.55 -18.96
N ASP A 171 -26.24 -2.32 -17.66
CA ASP A 171 -24.96 -2.33 -16.97
C ASP A 171 -25.21 -2.74 -15.53
N SER A 172 -24.12 -2.97 -14.78
CA SER A 172 -24.29 -3.58 -13.47
C SER A 172 -24.66 -2.58 -12.39
N GLU A 173 -24.64 -1.28 -12.68
CA GLU A 173 -25.32 -0.34 -11.80
C GLU A 173 -26.82 -0.52 -11.85
N GLN A 174 -27.39 -0.57 -13.08
CA GLN A 174 -28.81 -0.87 -13.25
C GLN A 174 -29.16 -2.22 -12.64
N VAL A 175 -28.41 -3.27 -12.99
CA VAL A 175 -28.74 -4.60 -12.49
C VAL A 175 -28.66 -4.63 -10.97
N GLY A 176 -27.70 -3.89 -10.39
CA GLY A 176 -27.69 -3.72 -8.95
C GLY A 176 -28.94 -3.07 -8.41
N GLN A 177 -29.42 -2.01 -9.06
CA GLN A 177 -30.66 -1.35 -8.63
C GLN A 177 -31.86 -2.31 -8.68
N TRP A 178 -31.85 -3.23 -9.64
CA TRP A 178 -32.93 -4.21 -9.78
C TRP A 178 -32.87 -5.31 -8.73
N GLY A 179 -31.82 -5.37 -7.92
CA GLY A 179 -31.76 -6.31 -6.81
C GLY A 179 -30.71 -7.40 -6.93
N ALA A 180 -29.83 -7.34 -7.94
CA ALA A 180 -28.73 -8.30 -8.08
C ALA A 180 -27.39 -7.58 -8.15
N PRO A 181 -26.99 -6.87 -7.09
CA PRO A 181 -25.68 -6.22 -7.10
C PRO A 181 -24.55 -7.24 -7.15
N THR A 182 -23.41 -6.82 -7.70
CA THR A 182 -22.24 -7.66 -7.75
C THR A 182 -21.05 -6.91 -7.18
N LEU A 183 -20.06 -7.68 -6.70
CA LEU A 183 -18.86 -7.12 -6.07
C LEU A 183 -17.60 -7.75 -6.65
N ASP A 184 -16.49 -7.07 -6.45
CA ASP A 184 -15.16 -7.66 -6.61
C ASP A 184 -14.52 -7.74 -5.24
N VAL A 185 -13.92 -8.90 -4.91
CA VAL A 185 -13.33 -9.13 -3.59
C VAL A 185 -11.94 -9.72 -3.74
N TRP A 186 -11.16 -9.66 -2.65
CA TRP A 186 -9.92 -10.40 -2.52
C TRP A 186 -10.08 -11.51 -1.50
N VAL A 187 -9.58 -12.70 -1.85
CA VAL A 187 -9.71 -13.90 -1.05
C VAL A 187 -8.32 -14.49 -0.81
N VAL A 188 -8.20 -15.24 0.29
CA VAL A 188 -6.93 -15.86 0.66
C VAL A 188 -7.20 -17.30 1.11
N ARG A 189 -6.28 -18.20 0.72
CA ARG A 189 -6.31 -19.59 1.20
C ARG A 189 -6.01 -19.66 2.69
N LYS A 190 -6.72 -20.55 3.40
CA LYS A 190 -6.53 -20.65 4.84
C LYS A 190 -5.09 -21.04 5.21
N ASP A 191 -4.50 -22.01 4.51
CA ASP A 191 -3.18 -22.44 4.94
C ASP A 191 -2.16 -21.32 4.77
N PHE A 192 -2.32 -20.46 3.77
CA PHE A 192 -1.43 -19.32 3.63
C PHE A 192 -1.67 -18.30 4.73
N ALA A 193 -2.95 -18.02 5.02
CA ALA A 193 -3.28 -17.09 6.10
C ALA A 193 -2.76 -17.57 7.44
N GLU A 194 -2.75 -18.89 7.66
CA GLU A 194 -2.24 -19.46 8.90
C GLU A 194 -0.74 -19.26 9.03
N LYS A 195 0.00 -19.44 7.94
CA LYS A 195 1.45 -19.39 8.00
C LYS A 195 2.02 -17.99 7.91
N HIS A 196 1.36 -17.08 7.17
CA HIS A 196 1.91 -15.76 6.87
C HIS A 196 0.87 -14.65 7.11
N PRO A 197 0.32 -14.57 8.32
CA PRO A 197 -0.71 -13.54 8.57
C PRO A 197 -0.24 -12.11 8.34
N GLU A 198 1.03 -11.81 8.61
CA GLU A 198 1.49 -10.44 8.40
C GLU A 198 1.62 -10.10 6.92
N VAL A 199 1.82 -11.10 6.06
CA VAL A 199 1.82 -10.85 4.63
C VAL A 199 0.41 -10.55 4.14
N VAL A 200 -0.58 -11.27 4.67
CA VAL A 200 -1.96 -11.00 4.28
C VAL A 200 -2.38 -9.61 4.74
N LYS A 201 -1.99 -9.22 5.94
CA LYS A 201 -2.28 -7.87 6.41
C LYS A 201 -1.61 -6.83 5.52
N ALA A 202 -0.38 -7.09 5.08
CA ALA A 202 0.31 -6.13 4.22
C ALA A 202 -0.40 -6.01 2.87
N PHE A 203 -0.96 -7.10 2.37
CA PHE A 203 -1.72 -7.01 1.12
C PHE A 203 -2.94 -6.11 1.30
N ALA A 204 -3.71 -6.36 2.36
CA ALA A 204 -4.90 -5.56 2.59
C ALA A 204 -4.53 -4.10 2.79
N LYS A 205 -3.46 -3.84 3.55
CA LYS A 205 -3.02 -2.48 3.79
C LYS A 205 -2.67 -1.78 2.49
N SER A 206 -1.92 -2.46 1.62
CA SER A 206 -1.50 -1.81 0.38
C SER A 206 -2.69 -1.45 -0.49
N ALA A 207 -3.68 -2.34 -0.59
CA ALA A 207 -4.83 -2.09 -1.45
C ALA A 207 -5.75 -1.02 -0.85
N ILE A 208 -6.01 -1.10 0.45
CA ILE A 208 -6.86 -0.10 1.10
C ILE A 208 -6.24 1.28 1.02
N ASP A 209 -4.95 1.38 1.37
CA ASP A 209 -4.27 2.68 1.31
C ASP A 209 -4.36 3.30 -0.07
N ALA A 210 -4.24 2.49 -1.12
CA ALA A 210 -4.20 3.05 -2.47
C ALA A 210 -5.56 3.61 -2.91
N GLN A 211 -6.66 3.08 -2.35
CA GLN A 211 -7.98 3.55 -2.77
C GLN A 211 -8.43 4.81 -2.03
N GLN A 212 -7.85 5.10 -0.87
CA GLN A 212 -8.33 6.23 -0.08
C GLN A 212 -8.10 7.60 -0.76
N PRO A 213 -6.96 7.86 -1.42
CA PRO A 213 -6.83 9.14 -2.14
C PRO A 213 -7.87 9.33 -3.22
N TYR A 214 -8.31 8.24 -3.88
CA TYR A 214 -9.38 8.38 -4.86
C TYR A 214 -10.70 8.71 -4.16
N ILE A 215 -11.07 7.92 -3.13
CA ILE A 215 -12.30 8.17 -2.39
C ILE A 215 -12.36 9.62 -1.91
N ALA A 216 -11.24 10.15 -1.41
CA ALA A 216 -11.25 11.48 -0.83
C ALA A 216 -11.61 12.55 -1.86
N ASN A 217 -11.15 12.40 -3.11
CA ASN A 217 -11.45 13.38 -4.13
C ASN A 217 -11.17 12.78 -5.51
N PRO A 218 -12.17 12.12 -6.12
CA PRO A 218 -11.92 11.46 -7.42
C PRO A 218 -11.28 12.35 -8.47
N ASP A 219 -11.73 13.61 -8.60
CA ASP A 219 -11.22 14.45 -9.68
C ASP A 219 -9.76 14.82 -9.49
N VAL A 220 -9.35 15.06 -8.24
CA VAL A 220 -7.93 15.32 -7.98
C VAL A 220 -7.10 14.07 -8.25
N TRP A 221 -7.59 12.90 -7.84
CA TRP A 221 -6.86 11.66 -8.09
C TRP A 221 -6.68 11.43 -9.58
N LEU A 222 -7.75 11.62 -10.35
CA LEU A 222 -7.72 11.33 -11.77
C LEU A 222 -6.89 12.31 -12.58
N LYS A 223 -6.53 13.47 -12.01
CA LYS A 223 -5.69 14.39 -12.78
C LYS A 223 -4.21 14.21 -12.50
N GLN A 224 -3.83 13.26 -11.64
CA GLN A 224 -2.43 12.89 -11.49
C GLN A 224 -2.08 11.94 -12.63
N PRO A 225 -1.21 12.35 -13.56
CA PRO A 225 -0.99 11.52 -14.76
C PRO A 225 -0.51 10.11 -14.47
N GLU A 226 0.33 9.93 -13.44
CA GLU A 226 0.84 8.60 -13.14
C GLU A 226 -0.27 7.67 -12.65
N ASN A 227 -1.32 8.20 -12.05
CA ASN A 227 -2.44 7.33 -11.68
C ASN A 227 -3.11 6.76 -12.93
N ILE A 228 -3.28 7.59 -13.96
CA ILE A 228 -3.97 7.16 -15.17
C ILE A 228 -3.12 6.16 -15.95
N SER A 229 -1.81 6.42 -16.08
CA SER A 229 -0.97 5.55 -16.90
C SER A 229 -0.79 4.17 -16.29
N LYS A 230 -0.70 4.09 -14.95
CA LYS A 230 -0.57 2.79 -14.29
C LYS A 230 -1.82 1.94 -14.48
N LEU A 231 -3.01 2.53 -14.38
CA LEU A 231 -4.22 1.75 -14.63
C LEU A 231 -4.37 1.39 -16.10
N ALA A 232 -4.02 2.31 -17.01
CA ALA A 232 -4.11 2.00 -18.43
C ALA A 232 -3.20 0.82 -18.78
N ARG A 233 -2.02 0.77 -18.16
CA ARG A 233 -1.07 -0.29 -18.47
C ARG A 233 -1.54 -1.64 -17.94
N LEU A 234 -2.00 -1.68 -16.69
CA LEU A 234 -2.34 -2.97 -16.09
C LEU A 234 -3.68 -3.51 -16.59
N SER A 235 -4.61 -2.63 -16.97
CA SER A 235 -5.88 -3.06 -17.52
C SER A 235 -5.84 -3.29 -19.02
N GLY A 236 -4.85 -2.70 -19.70
CA GLY A 236 -4.79 -2.80 -21.15
C GLY A 236 -5.82 -1.95 -21.86
N VAL A 237 -6.08 -0.74 -21.34
CA VAL A 237 -7.06 0.15 -21.96
C VAL A 237 -6.39 1.47 -22.31
N PRO A 238 -6.90 2.21 -23.31
CA PRO A 238 -6.37 3.54 -23.58
C PRO A 238 -6.54 4.46 -22.37
N GLU A 239 -5.57 5.37 -22.20
CA GLU A 239 -5.63 6.29 -21.07
C GLU A 239 -6.96 7.04 -21.02
N GLY A 240 -7.52 7.37 -22.20
CA GLY A 240 -8.75 8.13 -22.24
C GLY A 240 -9.95 7.41 -21.67
N ASP A 241 -9.91 6.07 -21.62
CA ASP A 241 -11.00 5.27 -21.08
C ASP A 241 -10.93 5.11 -19.57
N VAL A 242 -9.79 5.41 -18.96
CA VAL A 242 -9.61 5.12 -17.53
C VAL A 242 -10.57 5.89 -16.63
N PRO A 243 -10.74 7.21 -16.79
CA PRO A 243 -11.64 7.92 -15.84
C PRO A 243 -13.06 7.40 -15.84
N GLY A 244 -13.65 7.15 -17.02
CA GLY A 244 -14.98 6.59 -17.07
C GLY A 244 -15.07 5.21 -16.42
N LEU A 245 -14.00 4.41 -16.56
CA LEU A 245 -14.01 3.07 -15.96
C LEU A 245 -13.89 3.14 -14.44
N VAL A 246 -12.97 3.96 -13.94
CA VAL A 246 -12.77 4.08 -12.50
C VAL A 246 -14.04 4.58 -11.81
N LYS A 247 -14.70 5.57 -12.42
CA LYS A 247 -15.94 6.11 -11.86
C LYS A 247 -17.11 5.15 -12.00
N GLY A 248 -16.94 4.01 -12.67
CA GLY A 248 -17.94 2.99 -12.83
C GLY A 248 -18.09 2.02 -11.69
N ASN A 249 -17.43 2.26 -10.55
CA ASN A 249 -17.61 1.50 -9.31
C ASN A 249 -17.58 2.47 -8.15
N THR A 250 -17.91 1.97 -6.97
CA THR A 250 -17.57 2.69 -5.74
C THR A 250 -16.63 1.84 -4.91
N TYR A 251 -15.89 2.51 -4.04
CA TYR A 251 -14.83 1.91 -3.25
C TYR A 251 -15.08 2.22 -1.77
N LEU A 252 -14.32 1.56 -0.90
CA LEU A 252 -14.64 1.55 0.53
C LEU A 252 -13.55 2.21 1.36
N THR A 253 -13.96 2.98 2.37
CA THR A 253 -13.04 3.45 3.38
C THR A 253 -12.68 2.29 4.31
N PRO A 254 -11.66 2.45 5.16
CA PRO A 254 -11.38 1.38 6.14
C PRO A 254 -12.57 1.08 7.03
N GLN A 255 -13.28 2.09 7.51
CA GLN A 255 -14.49 1.84 8.28
C GLN A 255 -15.49 1.03 7.47
N GLN A 256 -15.66 1.37 6.19
CA GLN A 256 -16.60 0.63 5.37
C GLN A 256 -16.15 -0.81 5.16
N GLN A 257 -14.84 -1.05 5.05
CA GLN A 257 -14.35 -2.41 4.91
C GLN A 257 -14.76 -3.27 6.11
N THR A 258 -14.48 -2.78 7.32
CA THR A 258 -14.83 -3.54 8.51
C THR A 258 -16.32 -3.77 8.59
N ALA A 259 -17.11 -2.74 8.25
CA ALA A 259 -18.57 -2.85 8.32
C ALA A 259 -19.09 -3.92 7.36
N GLU A 260 -18.62 -3.88 6.11
CA GLU A 260 -19.08 -4.84 5.11
C GLU A 260 -18.63 -6.27 5.41
N LEU A 261 -17.42 -6.43 5.97
CA LEU A 261 -16.92 -7.77 6.26
C LEU A 261 -17.55 -8.38 7.50
N THR A 262 -18.35 -7.62 8.25
CA THR A 262 -19.00 -8.10 9.45
C THR A 262 -20.51 -8.26 9.24
N GLY A 263 -20.90 -8.96 8.17
CA GLY A 263 -22.30 -9.26 7.96
C GLY A 263 -22.76 -9.10 6.52
N PRO A 264 -22.62 -7.89 5.97
CA PRO A 264 -23.15 -7.65 4.61
C PRO A 264 -22.55 -8.54 3.54
N VAL A 265 -21.24 -8.85 3.61
CA VAL A 265 -20.65 -9.73 2.60
C VAL A 265 -21.19 -11.14 2.72
N ASN A 266 -21.30 -11.67 3.95
CA ASN A 266 -21.96 -12.96 4.18
C ASN A 266 -23.32 -12.99 3.53
N LYS A 267 -24.15 -11.98 3.78
CA LYS A 267 -25.47 -11.92 3.19
C LYS A 267 -25.38 -11.86 1.66
N ALA A 268 -24.39 -11.14 1.13
CA ALA A 268 -24.18 -11.10 -0.31
C ALA A 268 -23.92 -12.49 -0.88
N ILE A 269 -23.07 -13.29 -0.21
CA ILE A 269 -22.76 -14.63 -0.71
C ILE A 269 -24.01 -15.51 -0.66
N ILE A 270 -24.75 -15.45 0.45
CA ILE A 270 -25.96 -16.26 0.60
C ILE A 270 -26.92 -15.99 -0.54
N ASP A 271 -27.13 -14.71 -0.86
CA ASP A 271 -28.10 -14.34 -1.89
C ASP A 271 -27.58 -14.68 -3.28
N THR A 272 -26.29 -14.44 -3.53
CA THR A 272 -25.71 -14.81 -4.81
C THR A 272 -25.79 -16.31 -5.04
N ALA A 273 -25.45 -17.10 -4.02
CA ALA A 273 -25.52 -18.56 -4.17
C ALA A 273 -26.94 -19.01 -4.46
N GLN A 274 -27.92 -18.45 -3.74
CA GLN A 274 -29.32 -18.80 -3.94
C GLN A 274 -29.75 -18.57 -5.37
N PHE A 275 -29.44 -17.39 -5.93
CA PHE A 275 -29.83 -17.12 -7.32
C PHE A 275 -29.13 -18.07 -8.27
N LEU A 276 -27.84 -18.37 -8.02
CA LEU A 276 -27.12 -19.31 -8.88
C LEU A 276 -27.75 -20.71 -8.81
N LYS A 277 -28.24 -21.11 -7.65
CA LYS A 277 -28.94 -22.38 -7.53
C LYS A 277 -30.23 -22.36 -8.34
N GLU A 278 -31.03 -21.30 -8.19
CA GLU A 278 -32.27 -21.20 -8.95
C GLU A 278 -32.01 -21.23 -10.45
N GLN A 279 -30.93 -20.62 -10.90
CA GLN A 279 -30.57 -20.61 -12.32
C GLN A 279 -29.92 -21.91 -12.77
N GLY A 280 -29.75 -22.88 -11.87
CA GLY A 280 -29.19 -24.16 -12.25
C GLY A 280 -27.69 -24.21 -12.34
N LYS A 281 -26.98 -23.25 -11.75
CA LYS A 281 -25.54 -23.17 -11.91
C LYS A 281 -24.76 -23.75 -10.75
N VAL A 282 -25.41 -23.98 -9.61
CA VAL A 282 -24.78 -24.68 -8.49
C VAL A 282 -25.77 -25.70 -7.93
N PRO A 283 -25.31 -26.90 -7.55
CA PRO A 283 -26.26 -27.93 -7.11
C PRO A 283 -26.79 -27.69 -5.70
N ALA A 284 -25.95 -27.23 -4.78
CA ALA A 284 -26.35 -27.08 -3.39
C ALA A 284 -25.75 -25.81 -2.81
N VAL A 285 -26.51 -25.18 -1.90
CA VAL A 285 -26.08 -23.95 -1.25
C VAL A 285 -26.33 -24.06 0.25
N ALA A 286 -25.82 -23.08 0.99
CA ALA A 286 -25.95 -23.01 2.43
C ALA A 286 -26.69 -21.74 2.83
N ASN A 287 -27.22 -21.74 4.04
CA ASN A 287 -27.88 -20.56 4.58
C ASN A 287 -26.94 -19.64 5.34
N ASP A 288 -25.65 -19.94 5.36
CA ASP A 288 -24.68 -19.10 6.03
C ASP A 288 -23.29 -19.35 5.45
N TYR A 289 -22.56 -18.27 5.16
CA TYR A 289 -21.21 -18.38 4.61
C TYR A 289 -20.20 -17.64 5.45
N SER A 290 -20.40 -17.60 6.78
CA SER A 290 -19.48 -16.84 7.63
C SER A 290 -18.08 -17.44 7.67
N GLN A 291 -17.92 -18.72 7.32
CA GLN A 291 -16.60 -19.33 7.20
C GLN A 291 -15.80 -18.71 6.07
N TYR A 292 -16.44 -17.97 5.17
CA TYR A 292 -15.80 -17.49 3.95
C TYR A 292 -15.58 -15.98 3.98
N VAL A 293 -15.73 -15.34 5.15
CA VAL A 293 -15.51 -13.90 5.28
C VAL A 293 -14.79 -13.65 6.58
N THR A 294 -13.86 -12.69 6.58
CA THR A 294 -13.22 -12.29 7.83
C THR A 294 -12.84 -10.82 7.76
N SER A 295 -12.91 -10.16 8.92
CA SER A 295 -12.45 -8.79 9.07
C SER A 295 -11.09 -8.72 9.76
N ARG A 296 -10.46 -9.86 10.02
CA ARG A 296 -9.31 -9.86 10.93
C ARG A 296 -8.03 -9.35 10.26
N PHE A 297 -8.03 -9.11 8.96
CA PHE A 297 -6.85 -8.61 8.27
C PHE A 297 -6.94 -7.13 7.91
N VAL A 298 -8.02 -6.44 8.26
CA VAL A 298 -8.14 -5.01 7.98
C VAL A 298 -8.14 -4.17 9.26
N VAL B 2 20.81 -18.85 8.59
CA VAL B 2 20.19 -17.73 9.29
C VAL B 2 19.26 -16.96 8.35
N ASN B 3 18.05 -16.70 8.83
CA ASN B 3 17.10 -15.82 8.17
C ASN B 3 16.91 -14.58 9.02
N VAL B 4 16.70 -13.44 8.36
CA VAL B 4 16.51 -12.20 9.11
C VAL B 4 15.60 -11.28 8.29
N THR B 5 14.73 -10.57 8.99
CA THR B 5 13.82 -9.61 8.40
C THR B 5 14.22 -8.21 8.85
N VAL B 6 14.47 -7.34 7.88
CA VAL B 6 14.96 -5.98 8.11
C VAL B 6 13.87 -4.99 7.76
N ALA B 7 13.52 -4.13 8.71
CA ALA B 7 12.58 -3.03 8.46
C ALA B 7 13.35 -1.79 8.03
N TYR B 8 13.03 -1.27 6.84
CA TYR B 8 13.72 -0.09 6.35
C TYR B 8 12.73 1.04 6.09
N GLN B 9 13.27 2.25 5.95
CA GLN B 9 12.47 3.45 5.72
C GLN B 9 12.97 4.16 4.46
N THR B 10 12.35 5.30 4.14
CA THR B 10 12.42 5.85 2.80
C THR B 10 13.39 7.03 2.64
N SER B 11 14.25 7.30 3.62
CA SER B 11 15.26 8.33 3.47
C SER B 11 16.25 7.95 2.39
N ALA B 12 16.58 8.88 1.48
CA ALA B 12 17.60 8.66 0.47
C ALA B 12 18.97 8.97 1.07
N GLU B 13 19.75 7.93 1.34
CA GLU B 13 21.07 8.10 1.94
C GLU B 13 21.99 7.00 1.40
N PRO B 14 23.32 7.19 1.47
CA PRO B 14 24.24 6.32 0.72
C PRO B 14 24.17 4.83 1.06
N ALA B 15 23.82 4.44 2.29
CA ALA B 15 23.76 3.03 2.62
C ALA B 15 22.69 2.28 1.85
N LYS B 16 21.77 2.98 1.17
CA LYS B 16 20.81 2.29 0.32
C LYS B 16 21.50 1.59 -0.85
N VAL B 17 22.73 1.97 -1.17
CA VAL B 17 23.43 1.24 -2.23
C VAL B 17 23.74 -0.19 -1.76
N ALA B 18 24.16 -0.34 -0.50
CA ALA B 18 24.41 -1.68 0.02
C ALA B 18 23.12 -2.48 0.13
N GLN B 19 22.02 -1.83 0.48
CA GLN B 19 20.72 -2.50 0.48
C GLN B 19 20.34 -2.98 -0.92
N ALA B 20 20.47 -2.09 -1.92
CA ALA B 20 20.13 -2.48 -3.29
C ALA B 20 21.00 -3.63 -3.77
N ASP B 21 22.29 -3.63 -3.42
CA ASP B 21 23.20 -4.68 -3.86
C ASP B 21 23.11 -5.93 -2.99
N ASN B 22 22.33 -5.89 -1.90
CA ASN B 22 22.25 -6.99 -0.95
C ASN B 22 23.62 -7.43 -0.46
N THR B 23 24.50 -6.45 -0.24
CA THR B 23 25.85 -6.74 0.22
C THR B 23 25.84 -7.51 1.53
N PHE B 24 24.94 -7.14 2.44
CA PHE B 24 24.86 -7.77 3.74
C PHE B 24 24.54 -9.25 3.62
N ALA B 25 23.58 -9.60 2.76
CA ALA B 25 23.26 -11.01 2.55
C ALA B 25 24.44 -11.76 1.96
N LYS B 26 25.10 -11.16 0.96
CA LYS B 26 26.15 -11.88 0.24
C LYS B 26 27.35 -12.15 1.13
N GLU B 27 27.74 -11.18 1.95
CA GLU B 27 28.93 -11.35 2.78
C GLU B 27 28.67 -12.25 3.98
N SER B 28 27.44 -12.25 4.51
CA SER B 28 27.13 -13.04 5.70
C SER B 28 26.63 -14.44 5.38
N GLY B 29 26.19 -14.68 4.14
CA GLY B 29 25.56 -15.96 3.84
C GLY B 29 24.19 -16.12 4.45
N ALA B 30 23.57 -15.03 4.88
CA ALA B 30 22.24 -15.05 5.45
C ALA B 30 21.19 -14.86 4.37
N THR B 31 19.99 -15.36 4.65
CA THR B 31 18.80 -15.01 3.88
C THR B 31 18.17 -13.77 4.49
N VAL B 32 17.90 -12.76 3.67
CA VAL B 32 17.44 -11.47 4.15
C VAL B 32 16.14 -11.10 3.42
N ASP B 33 15.11 -10.79 4.20
CA ASP B 33 13.90 -10.16 3.71
C ASP B 33 13.91 -8.70 4.14
N TRP B 34 13.61 -7.80 3.21
CA TRP B 34 13.52 -6.37 3.48
C TRP B 34 12.06 -5.94 3.48
N ARG B 35 11.63 -5.24 4.51
CA ARG B 35 10.26 -4.74 4.62
C ARG B 35 10.26 -3.22 4.69
N LYS B 36 9.55 -2.58 3.76
CA LYS B 36 9.43 -1.13 3.76
C LYS B 36 8.33 -0.72 4.73
N PHE B 37 8.62 0.29 5.55
CA PHE B 37 7.64 0.88 6.45
C PHE B 37 7.51 2.38 6.22
N ASP B 38 6.28 2.89 6.37
CA ASP B 38 6.03 4.31 6.09
C ASP B 38 6.58 5.22 7.18
N SER B 39 6.73 4.72 8.40
CA SER B 39 7.30 5.50 9.50
C SER B 39 7.68 4.57 10.64
N GLY B 40 8.30 5.15 11.67
CA GLY B 40 8.94 4.36 12.71
C GLY B 40 8.01 3.70 13.69
N ALA B 41 6.81 4.26 13.91
CA ALA B 41 5.89 3.73 14.91
C ALA B 41 5.54 2.27 14.64
N SER B 42 5.24 1.92 13.39
CA SER B 42 4.89 0.53 13.09
C SER B 42 6.10 -0.39 13.16
N ILE B 43 7.30 0.15 12.92
CA ILE B 43 8.51 -0.66 13.09
C ILE B 43 8.70 -1.04 14.55
N VAL B 44 8.44 -0.11 15.48
CA VAL B 44 8.51 -0.45 16.90
C VAL B 44 7.58 -1.61 17.21
N ARG B 45 6.36 -1.57 16.66
CA ARG B 45 5.41 -2.65 16.90
C ARG B 45 5.91 -3.97 16.33
N ALA B 46 6.54 -3.94 15.14
CA ALA B 46 7.03 -5.16 14.52
C ALA B 46 8.27 -5.70 15.23
N LEU B 47 9.13 -4.82 15.74
CA LEU B 47 10.24 -5.28 16.57
C LEU B 47 9.73 -5.93 17.85
N ALA B 48 8.73 -5.30 18.49
CA ALA B 48 8.24 -5.81 19.75
C ALA B 48 7.61 -7.20 19.59
N SER B 49 6.97 -7.45 18.46
CA SER B 49 6.32 -8.72 18.23
C SER B 49 7.28 -9.78 17.69
N GLY B 50 8.49 -9.39 17.32
CA GLY B 50 9.45 -10.33 16.75
C GLY B 50 9.32 -10.54 15.26
N ASP B 51 8.48 -9.76 14.57
CA ASP B 51 8.28 -9.91 13.14
C ASP B 51 9.42 -9.33 12.31
N VAL B 52 10.20 -8.41 12.87
CA VAL B 52 11.44 -7.95 12.29
C VAL B 52 12.51 -8.00 13.38
N GLN B 53 13.75 -8.23 12.97
CA GLN B 53 14.84 -8.35 13.93
C GLN B 53 15.81 -7.19 13.91
N ILE B 54 15.91 -6.49 12.78
CA ILE B 54 16.72 -5.30 12.60
C ILE B 54 15.81 -4.23 11.99
N GLY B 55 15.88 -3.00 12.51
CA GLY B 55 15.00 -1.96 12.03
C GLY B 55 15.63 -0.59 12.08
N ASN B 56 15.22 0.26 11.15
CA ASN B 56 15.68 1.64 11.05
C ASN B 56 14.65 2.55 11.73
N LEU B 57 15.06 3.21 12.82
CA LEU B 57 14.16 4.05 13.60
C LEU B 57 14.68 5.48 13.69
N GLY B 58 13.76 6.44 13.62
CA GLY B 58 14.09 7.78 14.07
C GLY B 58 14.29 7.84 15.57
N SER B 59 14.97 8.89 16.03
CA SER B 59 15.31 8.96 17.44
C SER B 59 14.07 9.11 18.31
N SER B 60 13.01 9.74 17.77
CA SER B 60 11.77 9.88 18.55
C SER B 60 11.09 8.53 18.75
N PRO B 61 10.80 7.71 17.72
CA PRO B 61 10.25 6.38 18.01
C PRO B 61 11.17 5.49 18.84
N LEU B 62 12.50 5.65 18.69
CA LEU B 62 13.43 4.91 19.53
C LEU B 62 13.21 5.23 21.01
N ALA B 63 13.00 6.50 21.35
CA ALA B 63 12.77 6.86 22.73
C ALA B 63 11.44 6.30 23.24
N VAL B 64 10.42 6.25 22.37
CA VAL B 64 9.15 5.64 22.76
C VAL B 64 9.34 4.14 23.00
N ALA B 65 10.08 3.48 22.11
CA ALA B 65 10.34 2.06 22.28
C ALA B 65 11.10 1.79 23.58
N ALA B 66 12.09 2.62 23.89
CA ALA B 66 12.86 2.41 25.12
C ALA B 66 11.98 2.61 26.34
N SER B 67 11.09 3.60 26.30
CA SER B 67 10.18 3.81 27.42
C SER B 67 9.25 2.62 27.61
N GLN B 68 8.96 1.89 26.54
CA GLN B 68 8.11 0.71 26.63
C GLN B 68 8.91 -0.57 26.88
N GLN B 69 10.22 -0.45 27.06
CA GLN B 69 11.10 -1.57 27.40
C GLN B 69 11.11 -2.64 26.33
N VAL B 70 11.00 -2.22 25.07
CA VAL B 70 11.19 -3.14 23.95
C VAL B 70 12.63 -3.62 23.93
N PRO B 71 12.87 -4.94 23.80
CA PRO B 71 14.27 -5.46 23.89
C PRO B 71 15.09 -5.25 22.62
N ILE B 72 15.45 -4.00 22.38
CA ILE B 72 16.25 -3.61 21.22
C ILE B 72 17.40 -2.72 21.67
N GLU B 73 18.44 -2.69 20.82
CA GLU B 73 19.63 -1.86 21.02
C GLU B 73 19.99 -1.15 19.74
N VAL B 74 20.25 0.16 19.84
CA VAL B 74 20.95 0.87 18.78
C VAL B 74 22.34 0.28 18.63
N PHE B 75 22.66 -0.18 17.42
CA PHE B 75 24.00 -0.70 17.17
C PHE B 75 24.75 0.06 16.07
N LEU B 76 24.09 1.01 15.41
CA LEU B 76 24.83 1.99 14.60
C LEU B 76 23.88 3.12 14.21
N LEU B 77 24.48 4.24 13.85
CA LEU B 77 23.73 5.39 13.38
C LEU B 77 23.60 5.32 11.87
N ALA B 78 22.40 5.62 11.39
CA ALA B 78 22.24 5.81 9.94
C ALA B 78 22.68 7.21 9.56
N SER B 79 22.16 8.23 10.24
CA SER B 79 22.50 9.60 9.87
C SER B 79 22.14 10.55 11.00
N LYS B 80 22.77 11.72 10.96
CA LYS B 80 22.33 12.85 11.76
C LYS B 80 21.48 13.72 10.85
N LEU B 81 20.23 13.95 11.24
CA LEU B 81 19.26 14.50 10.32
C LEU B 81 19.44 16.00 10.16
N GLY B 82 19.44 16.46 8.91
CA GLY B 82 19.48 17.88 8.61
C GLY B 82 18.25 18.32 7.83
N ASN B 83 18.44 19.13 6.78
CA ASN B 83 17.28 19.66 6.06
C ASN B 83 16.64 18.64 5.10
N SER B 84 17.06 17.38 5.14
CA SER B 84 16.31 16.33 4.45
C SER B 84 14.95 16.10 5.08
N GLU B 85 14.72 16.57 6.31
CA GLU B 85 13.41 16.58 6.94
C GLU B 85 13.02 18.05 7.18
N ALA B 86 11.81 18.42 6.77
CA ALA B 86 11.47 19.84 6.70
C ALA B 86 9.98 20.06 6.86
N LEU B 87 9.64 21.26 7.34
CA LEU B 87 8.27 21.72 7.43
C LEU B 87 7.95 22.49 6.16
N VAL B 88 7.15 21.90 5.27
CA VAL B 88 6.76 22.51 4.01
C VAL B 88 5.31 22.98 4.13
N VAL B 89 5.06 24.23 3.72
CA VAL B 89 3.76 24.85 3.94
C VAL B 89 3.31 25.54 2.65
N LYS B 90 2.01 25.79 2.57
CA LYS B 90 1.45 26.60 1.50
C LYS B 90 2.13 27.97 1.47
N LYS B 91 2.26 28.53 0.26
CA LYS B 91 3.04 29.76 0.12
C LYS B 91 2.37 30.98 0.75
N THR B 92 1.08 30.89 1.12
CA THR B 92 0.42 31.94 1.88
C THR B 92 0.84 31.97 3.34
N ILE B 93 1.62 30.99 3.79
CA ILE B 93 2.12 30.91 5.16
C ILE B 93 3.59 31.32 5.14
N SER B 94 3.92 32.46 5.73
CA SER B 94 5.26 33.01 5.59
C SER B 94 5.98 33.26 6.91
N LYS B 95 5.26 33.32 8.03
CA LYS B 95 5.90 33.44 9.32
C LYS B 95 5.26 32.46 10.29
N PRO B 96 5.97 32.11 11.36
CA PRO B 96 5.42 31.14 12.32
C PRO B 96 4.01 31.45 12.80
N GLU B 97 3.70 32.72 13.04
CA GLU B 97 2.37 33.07 13.52
C GLU B 97 1.27 32.70 12.53
N ASP B 98 1.61 32.56 11.23
CA ASP B 98 0.64 32.14 10.23
C ASP B 98 0.22 30.68 10.40
N LEU B 99 0.92 29.89 11.22
CA LEU B 99 0.54 28.50 11.45
C LEU B 99 -0.65 28.36 12.38
N ILE B 100 -0.94 29.39 13.17
CA ILE B 100 -2.04 29.30 14.11
C ILE B 100 -3.34 29.10 13.35
N GLY B 101 -4.10 28.07 13.75
CA GLY B 101 -5.34 27.74 13.10
C GLY B 101 -5.21 26.90 11.85
N LYS B 102 -4.00 26.60 11.41
CA LYS B 102 -3.80 25.82 10.19
C LYS B 102 -3.75 24.32 10.48
N ARG B 103 -3.93 23.54 9.43
CA ARG B 103 -3.86 22.08 9.52
C ARG B 103 -2.49 21.63 9.03
N ILE B 104 -1.69 21.09 9.94
CA ILE B 104 -0.34 20.63 9.66
C ILE B 104 -0.26 19.14 9.98
N ALA B 105 0.21 18.34 9.02
CA ALA B 105 0.27 16.90 9.19
C ALA B 105 1.67 16.43 9.55
N VAL B 106 1.74 15.43 10.43
CA VAL B 106 2.97 14.69 10.73
C VAL B 106 2.62 13.24 11.01
N PRO B 107 3.53 12.32 10.69
CA PRO B 107 3.36 10.94 11.18
C PRO B 107 3.65 10.89 12.67
N PHE B 108 2.69 10.41 13.47
CA PHE B 108 2.81 10.65 14.89
C PHE B 108 3.98 9.87 15.49
N ILE B 109 4.59 10.49 16.50
CA ILE B 109 5.81 10.16 17.24
C ILE B 109 7.05 9.99 16.34
N SER B 110 6.93 10.38 15.07
CA SER B 110 8.11 10.40 14.20
C SER B 110 9.06 11.54 14.59
N THR B 111 10.25 11.53 13.99
CA THR B 111 11.18 12.64 14.19
C THR B 111 10.60 13.97 13.75
N THR B 112 9.69 13.98 12.78
CA THR B 112 9.17 15.25 12.30
C THR B 112 7.99 15.72 13.15
N HIS B 113 7.29 14.79 13.80
CA HIS B 113 6.36 15.16 14.86
C HIS B 113 7.12 15.84 16.00
N TYR B 114 8.19 15.19 16.45
CA TYR B 114 9.06 15.74 17.48
C TYR B 114 9.58 17.12 17.08
N SER B 115 10.13 17.24 15.87
CA SER B 115 10.72 18.50 15.46
C SER B 115 9.67 19.59 15.28
N LEU B 116 8.47 19.24 14.81
CA LEU B 116 7.39 20.22 14.74
C LEU B 116 7.10 20.81 16.11
N LEU B 117 6.97 19.94 17.12
CA LEU B 117 6.70 20.41 18.48
C LEU B 117 7.83 21.26 19.01
N ALA B 118 9.07 20.91 18.68
CA ALA B 118 10.21 21.70 19.11
C ALA B 118 10.22 23.07 18.43
N ALA B 119 9.90 23.11 17.13
CA ALA B 119 9.83 24.39 16.41
C ALA B 119 8.74 25.29 16.98
N LEU B 120 7.55 24.73 17.24
CA LEU B 120 6.47 25.53 17.81
C LEU B 120 6.88 26.15 19.14
N LYS B 121 7.56 25.36 19.98
CA LYS B 121 8.03 25.86 21.27
C LYS B 121 9.05 26.97 21.09
N HIS B 122 9.98 26.81 20.14
CA HIS B 122 10.95 27.86 19.86
C HIS B 122 10.25 29.14 19.43
N TRP B 123 9.19 29.03 18.63
CA TRP B 123 8.43 30.18 18.16
C TRP B 123 7.45 30.70 19.20
N GLY B 124 7.31 30.02 20.33
CA GLY B 124 6.33 30.44 21.32
C GLY B 124 4.89 30.16 20.95
N ILE B 125 4.65 29.15 20.11
CA ILE B 125 3.30 28.78 19.70
C ILE B 125 2.91 27.50 20.44
N LYS B 126 1.72 27.50 21.01
CA LYS B 126 1.34 26.28 21.71
C LYS B 126 0.80 25.26 20.71
N PRO B 127 1.11 23.97 20.89
CA PRO B 127 0.69 22.98 19.89
C PRO B 127 -0.81 22.92 19.67
N GLY B 128 -1.62 23.20 20.70
CA GLY B 128 -3.06 23.25 20.57
C GLY B 128 -3.58 24.41 19.74
N GLN B 129 -2.73 25.40 19.44
CA GLN B 129 -3.09 26.47 18.53
C GLN B 129 -3.05 26.05 17.07
N VAL B 130 -2.47 24.88 16.78
CA VAL B 130 -2.34 24.36 15.44
C VAL B 130 -3.17 23.08 15.36
N GLU B 131 -3.82 22.87 14.22
CA GLU B 131 -4.55 21.62 14.00
C GLU B 131 -3.54 20.60 13.49
N ILE B 132 -2.87 19.93 14.43
CA ILE B 132 -1.85 18.94 14.09
C ILE B 132 -2.55 17.60 13.86
N VAL B 133 -2.41 17.06 12.65
CA VAL B 133 -3.10 15.82 12.31
C VAL B 133 -2.08 14.71 12.03
N ASN B 134 -2.47 13.51 12.41
CA ASN B 134 -1.67 12.30 12.27
C ASN B 134 -1.97 11.64 10.93
N LEU B 135 -1.02 11.73 9.99
CA LEU B 135 -1.15 11.05 8.71
C LEU B 135 0.18 10.41 8.35
N GLN B 136 0.09 9.26 7.66
CA GLN B 136 1.29 8.64 7.14
C GLN B 136 1.69 9.33 5.83
N PRO B 137 2.96 9.22 5.43
CA PRO B 137 3.48 10.09 4.35
C PRO B 137 2.72 9.97 3.03
N PRO B 138 2.32 8.77 2.58
CA PRO B 138 1.49 8.73 1.36
C PRO B 138 0.16 9.47 1.50
N ALA B 139 -0.46 9.41 2.68
CA ALA B 139 -1.69 10.18 2.87
C ALA B 139 -1.41 11.68 2.93
N ILE B 140 -0.22 12.06 3.41
CA ILE B 140 0.15 13.47 3.45
C ILE B 140 0.25 14.03 2.03
N ILE B 141 0.90 13.30 1.14
CA ILE B 141 1.03 13.72 -0.24
C ILE B 141 -0.36 13.92 -0.86
N ALA B 142 -1.25 12.95 -0.65
CA ALA B 142 -2.59 13.03 -1.24
C ALA B 142 -3.37 14.21 -0.66
N ALA B 143 -3.30 14.40 0.66
CA ALA B 143 -4.02 15.51 1.30
C ALA B 143 -3.49 16.85 0.82
N TRP B 144 -2.18 16.93 0.60
CA TRP B 144 -1.57 18.14 0.04
C TRP B 144 -2.08 18.41 -1.38
N GLN B 145 -2.16 17.37 -2.20
CA GLN B 145 -2.66 17.53 -3.57
C GLN B 145 -4.11 18.01 -3.59
N ARG B 146 -4.91 17.60 -2.60
CA ARG B 146 -6.29 18.03 -2.47
C ARG B 146 -6.43 19.43 -1.89
N GLY B 147 -5.39 19.92 -1.23
CA GLY B 147 -5.53 21.14 -0.47
C GLY B 147 -6.21 20.97 0.87
N ASP B 148 -6.30 19.74 1.37
CA ASP B 148 -6.98 19.48 2.64
C ASP B 148 -6.07 19.66 3.85
N ILE B 149 -4.76 19.80 3.65
CA ILE B 149 -3.86 20.24 4.70
C ILE B 149 -3.14 21.49 4.19
N ASP B 150 -2.61 22.27 5.14
CA ASP B 150 -1.90 23.51 4.86
C ASP B 150 -0.38 23.33 4.86
N GLY B 151 0.11 22.15 5.25
CA GLY B 151 1.52 21.92 5.38
C GLY B 151 1.76 20.63 6.10
N ALA B 152 3.03 20.23 6.13
CA ALA B 152 3.44 18.99 6.79
C ALA B 152 4.92 19.10 7.10
N TYR B 153 5.33 18.39 8.17
CA TYR B 153 6.74 18.21 8.51
C TYR B 153 7.05 16.75 8.17
N VAL B 154 7.91 16.53 7.17
CA VAL B 154 8.01 15.23 6.51
C VAL B 154 9.45 14.98 6.06
N TRP B 155 9.72 13.73 5.70
CA TRP B 155 10.94 13.31 5.01
C TRP B 155 10.56 12.73 3.66
N ALA B 156 11.58 12.33 2.89
CA ALA B 156 11.32 11.81 1.54
C ALA B 156 10.49 10.53 1.60
N PRO B 157 9.63 10.29 0.60
CA PRO B 157 9.42 11.11 -0.61
C PRO B 157 8.39 12.23 -0.46
N ALA B 158 7.84 12.42 0.75
CA ALA B 158 6.84 13.45 0.93
C ALA B 158 7.46 14.84 0.91
N VAL B 159 8.66 15.00 1.48
CA VAL B 159 9.21 16.35 1.66
C VAL B 159 9.53 17.00 0.32
N ASN B 160 10.09 16.23 -0.61
CA ASN B 160 10.47 16.81 -1.88
C ASN B 160 9.27 16.93 -2.81
N ALA B 161 8.27 16.06 -2.64
CA ALA B 161 7.01 16.23 -3.37
C ALA B 161 6.33 17.53 -2.97
N LEU B 162 6.17 17.77 -1.66
CA LEU B 162 5.49 18.98 -1.22
C LEU B 162 6.27 20.24 -1.59
N GLU B 163 7.61 20.18 -1.57
CA GLU B 163 8.42 21.37 -1.84
C GLU B 163 8.18 21.94 -3.23
N LYS B 164 7.82 21.10 -4.21
CA LYS B 164 7.63 21.55 -5.59
C LYS B 164 6.63 22.69 -5.69
N ASP B 165 5.64 22.72 -4.79
CA ASP B 165 4.61 23.75 -4.79
C ASP B 165 4.44 24.42 -3.45
N GLY B 166 5.29 24.12 -2.47
CA GLY B 166 5.22 24.78 -1.18
C GLY B 166 6.49 25.53 -0.85
N LYS B 167 6.59 25.99 0.39
CA LYS B 167 7.73 26.75 0.86
C LYS B 167 8.25 26.10 2.15
N VAL B 168 9.56 26.06 2.31
CA VAL B 168 10.15 25.50 3.53
C VAL B 168 10.13 26.58 4.61
N LEU B 169 9.42 26.30 5.71
CA LEU B 169 9.34 27.25 6.81
C LEU B 169 10.43 27.00 7.86
N THR B 170 10.74 25.74 8.12
CA THR B 170 11.93 25.39 8.90
C THR B 170 12.33 23.97 8.51
N ASP B 171 13.44 23.51 9.08
CA ASP B 171 13.91 22.17 8.78
C ASP B 171 14.71 21.65 9.96
N SER B 172 15.08 20.37 9.91
CA SER B 172 15.67 19.75 11.09
C SER B 172 17.14 20.08 11.27
N GLU B 173 17.81 20.63 10.25
CA GLU B 173 19.10 21.27 10.51
C GLU B 173 18.90 22.48 11.42
N GLN B 174 17.89 23.28 11.11
CA GLN B 174 17.64 24.48 11.91
C GLN B 174 17.10 24.10 13.28
N VAL B 175 16.14 23.17 13.34
CA VAL B 175 15.59 22.78 14.64
C VAL B 175 16.66 22.12 15.49
N GLY B 176 17.61 21.41 14.86
CA GLY B 176 18.73 20.88 15.60
C GLY B 176 19.58 21.97 16.24
N GLN B 177 19.83 23.06 15.51
CA GLN B 177 20.62 24.15 16.06
C GLN B 177 19.88 24.89 17.17
N TRP B 178 18.55 24.82 17.17
CA TRP B 178 17.74 25.37 18.24
C TRP B 178 17.72 24.50 19.48
N GLY B 179 18.36 23.33 19.44
CA GLY B 179 18.47 22.48 20.62
C GLY B 179 17.68 21.19 20.58
N ALA B 180 17.08 20.82 19.45
CA ALA B 180 16.31 19.58 19.35
C ALA B 180 16.77 18.77 18.15
N PRO B 181 18.01 18.27 18.17
CA PRO B 181 18.50 17.45 17.05
C PRO B 181 17.84 16.08 17.02
N THR B 182 17.74 15.52 15.81
CA THR B 182 17.15 14.21 15.59
C THR B 182 18.12 13.34 14.79
N LEU B 183 17.94 12.03 14.93
CA LEU B 183 18.82 11.04 14.34
C LEU B 183 17.99 9.93 13.71
N ASP B 184 18.59 9.24 12.74
CA ASP B 184 18.12 7.95 12.26
C ASP B 184 19.12 6.89 12.71
N VAL B 185 18.62 5.80 13.29
CA VAL B 185 19.49 4.76 13.84
C VAL B 185 19.03 3.38 13.37
N TRP B 186 19.92 2.40 13.50
CA TRP B 186 19.59 1.00 13.29
C TRP B 186 19.55 0.28 14.63
N VAL B 187 18.51 -0.53 14.85
CA VAL B 187 18.35 -1.27 16.10
C VAL B 187 18.19 -2.76 15.82
N VAL B 188 18.52 -3.57 16.82
CA VAL B 188 18.49 -5.03 16.71
C VAL B 188 17.85 -5.62 17.96
N ARG B 189 17.02 -6.64 17.76
CA ARG B 189 16.42 -7.35 18.88
C ARG B 189 17.45 -8.19 19.64
N LYS B 190 17.26 -8.30 20.96
CA LYS B 190 18.22 -9.02 21.79
C LYS B 190 18.34 -10.48 21.36
N ASP B 191 17.21 -11.15 21.14
CA ASP B 191 17.32 -12.58 20.86
C ASP B 191 18.04 -12.85 19.54
N PHE B 192 17.93 -11.93 18.56
CA PHE B 192 18.68 -12.09 17.33
C PHE B 192 20.17 -11.80 17.53
N ALA B 193 20.48 -10.74 18.27
CA ALA B 193 21.88 -10.41 18.56
C ALA B 193 22.55 -11.53 19.35
N GLU B 194 21.81 -12.19 20.24
CA GLU B 194 22.37 -13.31 20.99
C GLU B 194 22.68 -14.49 20.08
N LYS B 195 21.81 -14.78 19.12
CA LYS B 195 21.96 -15.99 18.32
C LYS B 195 22.93 -15.80 17.16
N HIS B 196 22.93 -14.62 16.54
CA HIS B 196 23.69 -14.36 15.31
C HIS B 196 24.48 -13.07 15.40
N PRO B 197 25.40 -12.93 16.36
CA PRO B 197 26.15 -11.68 16.46
C PRO B 197 27.00 -11.39 15.22
N GLU B 198 27.53 -12.42 14.56
CA GLU B 198 28.31 -12.20 13.34
C GLU B 198 27.48 -11.58 12.23
N VAL B 199 26.17 -11.84 12.22
CA VAL B 199 25.31 -11.28 11.17
C VAL B 199 25.02 -9.82 11.44
N VAL B 200 24.80 -9.47 12.73
CA VAL B 200 24.65 -8.07 13.11
C VAL B 200 25.91 -7.28 12.75
N LYS B 201 27.09 -7.86 12.99
CA LYS B 201 28.34 -7.20 12.62
C LYS B 201 28.43 -7.01 11.12
N ALA B 202 28.01 -8.01 10.35
CA ALA B 202 28.03 -7.88 8.88
C ALA B 202 27.09 -6.76 8.42
N PHE B 203 25.91 -6.66 9.04
CA PHE B 203 24.99 -5.59 8.67
C PHE B 203 25.63 -4.23 8.88
N ALA B 204 26.21 -4.01 10.07
CA ALA B 204 26.80 -2.72 10.36
C ALA B 204 27.95 -2.42 9.41
N LYS B 205 28.80 -3.42 9.15
CA LYS B 205 29.94 -3.21 8.27
C LYS B 205 29.48 -2.81 6.86
N SER B 206 28.44 -3.47 6.34
CA SER B 206 27.98 -3.14 5.00
C SER B 206 27.43 -1.72 4.94
N ALA B 207 26.71 -1.29 5.98
CA ALA B 207 26.16 0.07 5.99
C ALA B 207 27.26 1.11 6.13
N ILE B 208 28.16 0.91 7.09
CA ILE B 208 29.27 1.84 7.29
C ILE B 208 30.12 1.93 6.03
N ASP B 209 30.49 0.77 5.46
CA ASP B 209 31.33 0.75 4.26
C ASP B 209 30.69 1.53 3.12
N ALA B 210 29.37 1.41 2.95
CA ALA B 210 28.70 2.06 1.83
C ALA B 210 28.70 3.57 1.97
N GLN B 211 28.77 4.09 3.20
CA GLN B 211 28.72 5.54 3.38
C GLN B 211 30.08 6.19 3.22
N GLN B 212 31.18 5.46 3.44
CA GLN B 212 32.49 6.10 3.38
C GLN B 212 32.85 6.66 2.00
N PRO B 213 32.59 5.98 0.87
CA PRO B 213 32.93 6.61 -0.41
C PRO B 213 32.15 7.90 -0.69
N TYR B 214 30.94 8.05 -0.13
CA TYR B 214 30.25 9.33 -0.20
C TYR B 214 30.94 10.38 0.66
N ILE B 215 31.26 10.04 1.91
CA ILE B 215 31.92 11.00 2.79
C ILE B 215 33.22 11.49 2.15
N ALA B 216 33.96 10.59 1.51
CA ALA B 216 35.27 10.93 0.96
C ALA B 216 35.20 11.87 -0.25
N ASN B 217 34.15 11.77 -1.07
CA ASN B 217 33.94 12.73 -2.15
C ASN B 217 32.47 12.75 -2.53
N PRO B 218 31.65 13.57 -1.86
CA PRO B 218 30.20 13.54 -2.10
C PRO B 218 29.80 13.95 -3.51
N ASP B 219 30.44 14.98 -4.07
CA ASP B 219 30.03 15.45 -5.39
C ASP B 219 30.30 14.39 -6.46
N VAL B 220 31.44 13.70 -6.39
CA VAL B 220 31.69 12.65 -7.37
C VAL B 220 30.72 11.49 -7.16
N TRP B 221 30.49 11.11 -5.90
CA TRP B 221 29.58 10.01 -5.58
C TRP B 221 28.20 10.24 -6.17
N LEU B 222 27.68 11.47 -6.02
CA LEU B 222 26.36 11.85 -6.49
C LEU B 222 26.28 12.00 -8.01
N LYS B 223 27.41 11.91 -8.72
CA LYS B 223 27.42 11.96 -10.17
C LYS B 223 27.46 10.57 -10.81
N GLN B 224 27.62 9.52 -10.01
CA GLN B 224 27.57 8.15 -10.54
C GLN B 224 26.11 7.75 -10.71
N PRO B 225 25.68 7.39 -11.94
CA PRO B 225 24.26 7.10 -12.16
C PRO B 225 23.74 5.93 -11.35
N GLU B 226 24.59 4.92 -11.09
CA GLU B 226 24.14 3.73 -10.37
C GLU B 226 23.86 4.03 -8.91
N ASN B 227 24.58 4.99 -8.34
CA ASN B 227 24.29 5.41 -6.97
C ASN B 227 22.94 6.12 -6.91
N ILE B 228 22.69 7.03 -7.85
CA ILE B 228 21.44 7.78 -7.86
C ILE B 228 20.25 6.85 -8.10
N SER B 229 20.39 5.94 -9.07
CA SER B 229 19.27 5.05 -9.41
C SER B 229 18.87 4.17 -8.24
N LYS B 230 19.84 3.66 -7.48
CA LYS B 230 19.53 2.80 -6.35
C LYS B 230 18.83 3.56 -5.25
N LEU B 231 19.30 4.78 -4.94
CA LEU B 231 18.62 5.58 -3.92
C LEU B 231 17.24 6.01 -4.39
N ALA B 232 17.12 6.40 -5.66
CA ALA B 232 15.81 6.82 -6.17
C ALA B 232 14.80 5.68 -6.08
N ARG B 233 15.20 4.47 -6.48
CA ARG B 233 14.27 3.35 -6.45
C ARG B 233 13.84 3.03 -5.02
N LEU B 234 14.77 3.02 -4.07
CA LEU B 234 14.43 2.56 -2.73
C LEU B 234 13.69 3.63 -1.93
N SER B 235 13.97 4.90 -2.18
CA SER B 235 13.25 5.96 -1.48
C SER B 235 11.97 6.36 -2.18
N GLY B 236 11.85 6.05 -3.46
CA GLY B 236 10.67 6.44 -4.22
C GLY B 236 10.66 7.88 -4.67
N VAL B 237 11.82 8.43 -5.02
CA VAL B 237 11.91 9.84 -5.40
C VAL B 237 12.43 9.93 -6.82
N PRO B 238 12.15 11.04 -7.52
CA PRO B 238 12.79 11.26 -8.82
C PRO B 238 14.30 11.31 -8.67
N GLU B 239 15.01 10.83 -9.69
CA GLU B 239 16.46 10.79 -9.61
C GLU B 239 17.06 12.18 -9.42
N GLY B 240 16.44 13.22 -9.99
CA GLY B 240 16.97 14.57 -9.88
C GLY B 240 16.86 15.17 -8.49
N ASP B 241 16.00 14.59 -7.64
CA ASP B 241 15.86 15.04 -6.26
C ASP B 241 16.89 14.41 -5.32
N VAL B 242 17.55 13.34 -5.76
CA VAL B 242 18.40 12.56 -4.85
C VAL B 242 19.58 13.36 -4.33
N PRO B 243 20.36 14.08 -5.16
CA PRO B 243 21.49 14.85 -4.62
C PRO B 243 21.11 15.78 -3.47
N GLY B 244 20.06 16.58 -3.65
CA GLY B 244 19.68 17.52 -2.60
C GLY B 244 19.25 16.83 -1.33
N LEU B 245 18.59 15.67 -1.46
CA LEU B 245 18.19 14.91 -0.27
C LEU B 245 19.39 14.31 0.45
N VAL B 246 20.33 13.72 -0.29
CA VAL B 246 21.48 13.09 0.36
C VAL B 246 22.30 14.11 1.12
N LYS B 247 22.47 15.31 0.55
CA LYS B 247 23.28 16.33 1.20
C LYS B 247 22.60 16.93 2.41
N GLY B 248 21.36 16.57 2.67
CA GLY B 248 20.61 17.10 3.79
C GLY B 248 20.72 16.30 5.08
N ASN B 249 21.74 15.44 5.17
CA ASN B 249 22.11 14.77 6.42
C ASN B 249 23.62 14.78 6.55
N THR B 250 24.08 14.34 7.72
CA THR B 250 25.48 14.08 8.00
C THR B 250 25.67 12.59 8.25
N TYR B 251 26.69 12.00 7.63
CA TYR B 251 27.00 10.59 7.81
C TYR B 251 28.35 10.45 8.49
N LEU B 252 28.54 9.32 9.18
CA LEU B 252 29.64 9.13 10.13
C LEU B 252 30.76 8.27 9.56
N THR B 253 31.98 8.59 9.96
CA THR B 253 33.11 7.68 9.78
C THR B 253 33.00 6.53 10.78
N PRO B 254 33.76 5.45 10.56
CA PRO B 254 33.75 4.36 11.57
C PRO B 254 34.17 4.83 12.95
N GLN B 255 35.16 5.72 13.03
CA GLN B 255 35.57 6.26 14.32
C GLN B 255 34.43 7.02 15.00
N GLN B 256 33.70 7.82 14.24
CA GLN B 256 32.58 8.59 14.79
C GLN B 256 31.43 7.68 15.22
N GLN B 257 31.22 6.58 14.51
CA GLN B 257 30.19 5.63 14.94
C GLN B 257 30.49 5.14 16.35
N THR B 258 31.73 4.70 16.59
CA THR B 258 32.10 4.20 17.91
C THR B 258 31.97 5.29 18.97
N ALA B 259 32.38 6.52 18.64
CA ALA B 259 32.32 7.61 19.61
C ALA B 259 30.88 7.94 20.00
N GLU B 260 29.97 7.94 19.03
CA GLU B 260 28.58 8.29 19.33
C GLU B 260 27.89 7.19 20.11
N LEU B 261 28.21 5.92 19.81
CA LEU B 261 27.55 4.83 20.51
C LEU B 261 28.04 4.67 21.94
N THR B 262 29.12 5.37 22.31
CA THR B 262 29.69 5.29 23.67
C THR B 262 29.41 6.56 24.44
N GLY B 263 28.13 6.89 24.64
CA GLY B 263 27.77 8.01 25.48
C GLY B 263 26.77 8.96 24.85
N PRO B 264 27.14 9.57 23.72
CA PRO B 264 26.25 10.57 23.11
C PRO B 264 24.86 10.06 22.76
N VAL B 265 24.74 8.85 22.21
CA VAL B 265 23.41 8.35 21.87
C VAL B 265 22.57 8.16 23.13
N ASN B 266 23.18 7.69 24.21
CA ASN B 266 22.47 7.57 25.48
C ASN B 266 21.92 8.92 25.92
N LYS B 267 22.73 9.98 25.82
CA LYS B 267 22.26 11.30 26.21
C LYS B 267 21.15 11.78 25.27
N ALA B 268 21.25 11.46 23.98
CA ALA B 268 20.21 11.85 23.04
C ALA B 268 18.88 11.20 23.38
N ILE B 269 18.90 9.93 23.78
CA ILE B 269 17.64 9.28 24.12
C ILE B 269 17.04 9.93 25.36
N ILE B 270 17.88 10.26 26.34
CA ILE B 270 17.37 10.88 27.56
C ILE B 270 16.68 12.20 27.22
N ASP B 271 17.37 13.05 26.45
CA ASP B 271 16.82 14.36 26.10
C ASP B 271 15.58 14.23 25.24
N THR B 272 15.58 13.29 24.29
CA THR B 272 14.41 13.08 23.45
C THR B 272 13.22 12.60 24.28
N ALA B 273 13.46 11.63 25.17
CA ALA B 273 12.38 11.10 26.00
C ALA B 273 11.84 12.18 26.93
N GLN B 274 12.73 13.05 27.44
CA GLN B 274 12.29 14.13 28.32
C GLN B 274 11.36 15.09 27.60
N PHE B 275 11.69 15.47 26.37
CA PHE B 275 10.83 16.39 25.63
C PHE B 275 9.52 15.71 25.27
N LEU B 276 9.56 14.42 24.90
CA LEU B 276 8.32 13.70 24.62
C LEU B 276 7.43 13.65 25.86
N LYS B 277 8.03 13.47 27.04
CA LYS B 277 7.23 13.44 28.26
C LYS B 277 6.54 14.78 28.50
N GLU B 278 7.27 15.89 28.31
CA GLU B 278 6.65 17.20 28.48
C GLU B 278 5.50 17.41 27.52
N GLN B 279 5.61 16.88 26.30
CA GLN B 279 4.57 17.00 25.29
C GLN B 279 3.49 15.93 25.44
N GLY B 280 3.57 15.09 26.47
CA GLY B 280 2.51 14.16 26.77
C GLY B 280 2.54 12.86 25.98
N LYS B 281 3.71 12.46 25.49
CA LYS B 281 3.80 11.30 24.62
C LYS B 281 4.40 10.06 25.28
N VAL B 282 5.11 10.22 26.40
CA VAL B 282 5.58 9.07 27.19
C VAL B 282 5.36 9.36 28.66
N PRO B 283 5.14 8.31 29.46
CA PRO B 283 4.84 8.50 30.89
C PRO B 283 6.05 8.77 31.76
N ALA B 284 7.27 8.44 31.32
CA ALA B 284 8.40 8.52 32.23
C ALA B 284 9.69 8.61 31.44
N VAL B 285 10.71 9.15 32.10
CA VAL B 285 12.08 9.21 31.60
C VAL B 285 12.97 8.44 32.57
N ALA B 286 13.76 7.52 32.03
CA ALA B 286 14.66 6.72 32.84
C ALA B 286 15.91 7.50 33.19
N ASN B 287 16.59 7.06 34.26
CA ASN B 287 17.86 7.65 34.63
C ASN B 287 18.89 7.51 33.51
N ASP B 288 18.77 6.47 32.70
CA ASP B 288 19.83 6.10 31.80
C ASP B 288 19.25 5.12 30.79
N TYR B 289 19.73 5.18 29.54
CA TYR B 289 19.23 4.29 28.49
C TYR B 289 20.38 3.46 27.91
N SER B 290 21.37 3.15 28.74
CA SER B 290 22.51 2.36 28.29
C SER B 290 22.10 0.97 27.86
N GLN B 291 20.97 0.45 28.36
CA GLN B 291 20.47 -0.83 27.88
C GLN B 291 20.04 -0.79 26.43
N TYR B 292 19.90 0.38 25.83
CA TYR B 292 19.32 0.52 24.49
C TYR B 292 20.36 0.96 23.45
N VAL B 293 21.64 0.92 23.81
CA VAL B 293 22.73 1.32 22.93
C VAL B 293 23.90 0.37 23.13
N THR B 294 24.60 0.04 22.04
CA THR B 294 25.83 -0.72 22.14
C THR B 294 26.80 -0.33 21.03
N SER B 295 28.09 -0.44 21.34
CA SER B 295 29.14 -0.27 20.34
C SER B 295 29.77 -1.59 19.92
N ARG B 296 29.26 -2.72 20.41
CA ARG B 296 29.97 -3.98 20.26
C ARG B 296 29.84 -4.59 18.86
N PHE B 297 29.04 -3.99 17.98
CA PHE B 297 28.93 -4.51 16.63
C PHE B 297 29.65 -3.65 15.59
N VAL B 298 30.31 -2.58 16.00
CA VAL B 298 31.03 -1.72 15.06
C VAL B 298 32.53 -1.70 15.36
#